data_1RH9
#
_entry.id   1RH9
#
_cell.length_a   59.540
_cell.length_b   74.521
_cell.length_c   79.006
_cell.angle_alpha   90.00
_cell.angle_beta   90.00
_cell.angle_gamma   90.00
#
_symmetry.space_group_name_H-M   'P 21 21 21'
#
_entity_poly.entity_id   1
_entity_poly.type   'polypeptide(L)'
_entity_poly.pdbx_seq_one_letter_code
;FSNNNFVYTDGTHFALNGKSLYINGFNAYWLMYIAYDPSTRIKVTNTFQQASKYKMNVARTWAFSHGGSRPLQSAPGVYN
EQMFQGLDFVISEAKKYGIHLIMSLVNNWDAFGGKKQYVEWAVQRGQKLTSDDDFFTNPMVKGFYKNNVKVVLTRVNTIT
KVAYKDDPTILSWELINEPRCPSDLSGKTFQNWVLEMAGYLKSIDSNHLLEIGLEGFYGNDMRQYNPNSYIFGTNFISNN
QVQGIDFTTIHMYPNQWLPGLTQEAQDKWASQWIQVHIDDSKMLKKPLLIAEFGKSTKTPGYTVAKRDNYFEKIYGTIFN
CAKSGGPCGGGLFWQVLGQGMSSFDDGYQVVLQESPSTSRVILLQSLRLSKLS
;
_entity_poly.pdbx_strand_id   A
#
# COMPACT_ATOMS: atom_id res chain seq x y z
N ASN A 4 3.31 -23.49 -5.35
N ASN A 4 2.95 -24.87 -3.37
CA ASN A 4 3.49 -23.60 -3.86
CA ASN A 4 2.97 -23.85 -4.47
C ASN A 4 2.70 -22.50 -3.13
C ASN A 4 2.24 -22.55 -4.08
N ASN A 5 1.37 -22.63 -3.08
CA ASN A 5 0.50 -21.51 -2.65
C ASN A 5 0.89 -19.99 -2.63
N PHE A 6 1.99 -19.56 -3.24
CA PHE A 6 2.34 -18.13 -3.28
C PHE A 6 1.59 -17.44 -4.42
N VAL A 7 1.08 -16.25 -4.15
CA VAL A 7 0.52 -15.42 -5.22
C VAL A 7 1.67 -15.01 -6.16
N TYR A 8 1.41 -15.05 -7.46
CA TYR A 8 2.42 -14.72 -8.46
C TYR A 8 1.74 -13.88 -9.55
N THR A 9 2.48 -13.54 -10.59
CA THR A 9 1.89 -12.85 -11.75
C THR A 9 1.99 -13.70 -12.98
N ASP A 10 0.94 -13.63 -13.78
CA ASP A 10 0.95 -14.17 -15.13
C ASP A 10 0.56 -13.06 -16.08
N GLY A 11 1.57 -12.47 -16.74
CA GLY A 11 1.33 -11.30 -17.57
C GLY A 11 0.80 -10.18 -16.70
N THR A 12 -0.37 -9.64 -17.07
CA THR A 12 -0.92 -8.46 -16.40
C THR A 12 -1.96 -8.82 -15.33
N HIS A 13 -1.99 -10.07 -14.90
CA HIS A 13 -2.88 -10.47 -13.81
C HIS A 13 -2.09 -11.12 -12.70
N PHE A 14 -2.65 -11.03 -11.50
CA PHE A 14 -2.21 -11.83 -10.37
C PHE A 14 -2.77 -13.21 -10.59
N ALA A 15 -2.17 -14.18 -9.91
CA ALA A 15 -2.62 -15.56 -9.95
C ALA A 15 -2.18 -16.31 -8.68
N LEU A 16 -2.91 -17.38 -8.41
CA LEU A 16 -2.72 -18.21 -7.22
C LEU A 16 -3.23 -19.61 -7.56
N ASN A 17 -2.34 -20.59 -7.44
CA ASN A 17 -2.70 -21.98 -7.71
C ASN A 17 -3.30 -22.14 -9.11
N GLY A 18 -2.63 -21.54 -10.10
CA GLY A 18 -3.05 -21.63 -11.49
C GLY A 18 -4.21 -20.76 -11.95
N LYS A 19 -4.92 -20.10 -11.02
CA LYS A 19 -6.12 -19.33 -11.35
C LYS A 19 -5.88 -17.84 -11.14
N SER A 20 -6.53 -17.00 -11.95
CA SER A 20 -6.45 -15.55 -11.78
C SER A 20 -7.00 -15.12 -10.43
N LEU A 21 -6.49 -14.00 -9.95
N LEU A 21 -6.46 -14.01 -9.93
CA LEU A 21 -6.83 -13.45 -8.64
CA LEU A 21 -6.83 -13.46 -8.63
C LEU A 21 -7.03 -11.96 -8.82
C LEU A 21 -7.03 -11.95 -8.80
N TYR A 22 -8.17 -11.46 -8.35
CA TYR A 22 -8.46 -10.03 -8.36
C TYR A 22 -8.61 -9.56 -6.93
N ILE A 23 -7.94 -8.45 -6.63
CA ILE A 23 -7.84 -7.96 -5.26
C ILE A 23 -8.98 -6.98 -4.99
N ASN A 24 -9.65 -7.21 -3.88
CA ASN A 24 -10.59 -6.22 -3.33
C ASN A 24 -10.37 -6.14 -1.83
N GLY A 25 -9.70 -5.09 -1.38
CA GLY A 25 -9.27 -5.04 -0.01
C GLY A 25 -9.19 -3.66 0.58
N PHE A 26 -8.37 -3.56 1.61
CA PHE A 26 -8.34 -2.38 2.43
C PHE A 26 -6.95 -2.14 2.99
N ASN A 27 -6.73 -0.88 3.37
CA ASN A 27 -5.59 -0.48 4.18
C ASN A 27 -5.97 -0.45 5.65
N ALA A 28 -5.05 -0.94 6.49
CA ALA A 28 -5.12 -0.83 7.95
C ALA A 28 -3.68 -0.81 8.47
N TYR A 29 -3.08 0.38 8.46
CA TYR A 29 -1.65 0.50 8.74
C TYR A 29 -1.34 0.09 10.16
N TRP A 30 -2.38 0.19 11.00
CA TRP A 30 -2.30 0.15 12.46
C TRP A 30 -2.32 -1.25 13.07
N LEU A 31 -2.38 -2.30 12.26
CA LEU A 31 -2.64 -3.64 12.78
C LEU A 31 -1.62 -4.12 13.80
N MET A 32 -0.34 -3.99 13.48
CA MET A 32 0.73 -4.40 14.39
C MET A 32 0.69 -3.58 15.67
N TYR A 33 0.53 -2.27 15.52
CA TYR A 33 0.47 -1.34 16.66
C TYR A 33 -0.59 -1.80 17.66
N ILE A 34 -1.79 -2.13 17.19
CA ILE A 34 -2.90 -2.55 18.04
C ILE A 34 -2.72 -3.99 18.57
N ALA A 35 -2.07 -4.85 17.79
CA ALA A 35 -1.78 -6.22 18.22
C ALA A 35 -0.79 -6.25 19.41
N TYR A 36 0.06 -5.24 19.54
CA TYR A 36 1.07 -5.13 20.59
C TYR A 36 0.45 -5.28 21.98
N ASP A 37 -0.61 -4.51 22.23
CA ASP A 37 -1.31 -4.54 23.52
C ASP A 37 -2.31 -5.72 23.56
N PRO A 38 -2.13 -6.66 24.50
CA PRO A 38 -3.08 -7.78 24.59
C PRO A 38 -4.54 -7.35 24.80
N SER A 39 -4.80 -6.18 25.38
CA SER A 39 -6.16 -5.72 25.61
C SER A 39 -6.83 -5.08 24.39
N THR A 40 -6.03 -4.73 23.38
CA THR A 40 -6.58 -4.24 22.10
C THR A 40 -6.42 -5.22 20.93
N ARG A 41 -5.71 -6.32 21.13
CA ARG A 41 -5.46 -7.27 20.05
C ARG A 41 -6.75 -7.82 19.41
N ILE A 42 -7.83 -7.89 20.19
CA ILE A 42 -9.11 -8.39 19.68
C ILE A 42 -9.61 -7.57 18.48
N LYS A 43 -9.21 -6.30 18.42
CA LYS A 43 -9.62 -5.41 17.32
C LYS A 43 -9.06 -5.88 15.97
N VAL A 44 -7.87 -6.47 16.00
CA VAL A 44 -7.28 -7.07 14.79
C VAL A 44 -8.08 -8.28 14.35
N THR A 45 -8.35 -9.18 15.31
CA THR A 45 -9.18 -10.35 15.04
C THR A 45 -10.53 -9.91 14.47
N ASN A 46 -11.18 -8.95 15.10
CA ASN A 46 -12.51 -8.50 14.71
C ASN A 46 -12.49 -7.91 13.29
N THR A 47 -11.43 -7.18 12.99
CA THR A 47 -11.28 -6.55 11.68
C THR A 47 -11.17 -7.59 10.58
N PHE A 48 -10.37 -8.63 10.81
CA PHE A 48 -10.20 -9.68 9.82
C PHE A 48 -11.48 -10.51 9.68
N GLN A 49 -12.18 -10.72 10.80
CA GLN A 49 -13.48 -11.39 10.76
C GLN A 49 -14.45 -10.61 9.88
N GLN A 50 -14.50 -9.30 10.06
CA GLN A 50 -15.37 -8.45 9.25
C GLN A 50 -14.93 -8.42 7.81
N ALA A 51 -13.63 -8.29 7.57
CA ALA A 51 -13.11 -8.31 6.20
C ALA A 51 -13.52 -9.57 5.48
N SER A 52 -13.35 -10.72 6.15
CA SER A 52 -13.70 -12.00 5.55
C SER A 52 -15.22 -12.06 5.23
N LYS A 53 -16.07 -11.56 6.13
CA LYS A 53 -17.51 -11.55 5.92
C LYS A 53 -17.92 -10.77 4.67
N TYR A 54 -17.29 -9.62 4.44
CA TYR A 54 -17.52 -8.82 3.25
C TYR A 54 -16.64 -9.21 2.04
N LYS A 55 -15.99 -10.37 2.16
CA LYS A 55 -15.21 -10.98 1.08
C LYS A 55 -14.10 -10.08 0.56
N MET A 56 -13.45 -9.37 1.48
CA MET A 56 -12.22 -8.64 1.17
C MET A 56 -11.07 -9.61 1.34
N ASN A 57 -10.16 -9.62 0.37
CA ASN A 57 -9.13 -10.65 0.34
C ASN A 57 -7.69 -10.21 0.63
N VAL A 58 -7.47 -8.89 0.78
CA VAL A 58 -6.13 -8.36 1.05
C VAL A 58 -6.19 -7.19 2.01
N ALA A 59 -5.27 -7.15 2.96
CA ALA A 59 -4.99 -5.98 3.79
C ALA A 59 -3.58 -5.51 3.50
N ARG A 60 -3.43 -4.22 3.28
CA ARG A 60 -2.13 -3.56 3.21
C ARG A 60 -1.85 -2.90 4.56
N THR A 61 -0.62 -3.03 5.03
CA THR A 61 -0.27 -2.58 6.37
C THR A 61 1.22 -2.28 6.48
N TRP A 62 1.58 -1.64 7.59
CA TRP A 62 2.96 -1.25 7.83
C TRP A 62 3.72 -2.31 8.61
N ALA A 63 4.92 -2.63 8.14
CA ALA A 63 5.86 -3.49 8.87
C ALA A 63 6.90 -2.60 9.57
N PHE A 64 6.42 -1.45 10.04
CA PHE A 64 7.25 -0.48 10.77
C PHE A 64 6.33 0.33 11.67
N SER A 65 6.90 0.76 12.79
N SER A 65 6.89 1.16 12.56
CA SER A 65 6.19 1.70 13.69
CA SER A 65 6.07 1.78 13.62
C SER A 65 6.01 3.16 13.20
C SER A 65 6.04 3.25 13.38
N HIS A 66 4.84 3.77 13.45
CA HIS A 66 4.57 5.16 13.12
C HIS A 66 4.65 6.10 14.34
N GLY A 67 4.86 5.55 15.53
CA GLY A 67 4.98 6.38 16.73
C GLY A 67 6.27 6.09 17.49
N GLY A 68 6.85 7.12 18.10
CA GLY A 68 8.07 6.98 18.87
C GLY A 68 7.93 6.21 20.18
N SER A 69 6.74 6.26 20.78
CA SER A 69 6.51 5.61 22.07
C SER A 69 6.41 4.08 21.98
N ARG A 70 5.93 3.58 20.85
CA ARG A 70 5.74 2.14 20.62
C ARG A 70 6.45 1.72 19.33
N PRO A 71 7.79 1.66 19.37
CA PRO A 71 8.58 1.37 18.18
C PRO A 71 8.61 -0.12 17.84
N LEU A 72 8.86 -0.44 16.58
CA LEU A 72 9.30 -1.78 16.21
C LEU A 72 10.82 -1.70 16.18
N GLN A 73 11.35 -0.90 15.26
CA GLN A 73 12.78 -0.64 15.21
C GLN A 73 13.04 0.63 15.99
N SER A 74 13.53 0.48 17.23
CA SER A 74 13.75 1.62 18.13
C SER A 74 15.05 2.36 17.82
N ALA A 75 16.01 1.62 17.29
CA ALA A 75 17.30 2.17 16.86
C ALA A 75 17.79 1.25 15.75
N PRO A 76 18.80 1.64 14.98
CA PRO A 76 19.27 0.80 13.88
C PRO A 76 19.54 -0.63 14.32
N GLY A 77 18.80 -1.59 13.75
CA GLY A 77 18.99 -3.00 14.03
C GLY A 77 18.53 -3.49 15.40
N VAL A 78 17.83 -2.63 16.13
CA VAL A 78 17.34 -2.96 17.48
C VAL A 78 15.82 -2.98 17.43
N TYR A 79 15.24 -4.11 17.81
CA TYR A 79 13.81 -4.33 17.67
C TYR A 79 13.12 -4.62 18.99
N ASN A 80 11.89 -4.14 19.12
CA ASN A 80 11.02 -4.50 20.23
C ASN A 80 10.35 -5.84 19.90
N GLU A 81 10.71 -6.89 20.64
CA GLU A 81 10.21 -8.23 20.38
C GLU A 81 8.71 -8.37 20.59
N GLN A 82 8.11 -7.58 21.50
CA GLN A 82 6.67 -7.64 21.73
C GLN A 82 5.93 -7.07 20.51
N MET A 83 6.47 -5.99 19.97
CA MET A 83 5.94 -5.40 18.73
C MET A 83 6.07 -6.38 17.57
N PHE A 84 7.24 -7.00 17.45
CA PHE A 84 7.46 -7.99 16.40
C PHE A 84 6.49 -9.18 16.52
N GLN A 85 6.23 -9.60 17.75
N GLN A 85 6.21 -9.60 17.74
CA GLN A 85 5.30 -10.71 17.98
CA GLN A 85 5.29 -10.72 17.95
C GLN A 85 3.87 -10.30 17.62
C GLN A 85 3.85 -10.32 17.64
N GLY A 86 3.56 -9.01 17.74
CA GLY A 86 2.30 -8.47 17.28
C GLY A 86 2.14 -8.56 15.76
N LEU A 87 3.22 -8.28 15.04
CA LEU A 87 3.25 -8.48 13.59
C LEU A 87 3.10 -9.95 13.25
N ASP A 88 3.71 -10.83 14.06
CA ASP A 88 3.56 -12.27 13.89
C ASP A 88 2.09 -12.64 13.93
N PHE A 89 1.37 -12.03 14.87
CA PHE A 89 -0.05 -12.29 15.07
C PHE A 89 -0.89 -11.73 13.91
N VAL A 90 -0.50 -10.59 13.37
CA VAL A 90 -1.21 -10.04 12.23
C VAL A 90 -1.18 -11.07 11.09
N ILE A 91 -0.04 -11.70 10.86
CA ILE A 91 0.12 -12.69 9.81
C ILE A 91 -0.64 -13.99 10.11
N SER A 92 -0.53 -14.49 11.34
CA SER A 92 -1.22 -15.73 11.70
C SER A 92 -2.74 -15.53 11.67
N GLU A 93 -3.19 -14.39 12.16
CA GLU A 93 -4.61 -14.11 12.20
C GLU A 93 -5.17 -13.81 10.80
N ALA A 94 -4.40 -13.13 9.95
CA ALA A 94 -4.83 -12.95 8.56
C ALA A 94 -5.02 -14.33 7.91
N LYS A 95 -4.08 -15.24 8.12
CA LYS A 95 -4.17 -16.58 7.52
C LYS A 95 -5.45 -17.30 7.99
N LYS A 96 -5.76 -17.15 9.26
CA LYS A 96 -6.91 -17.82 9.86
C LYS A 96 -8.21 -17.43 9.16
N TYR A 97 -8.32 -16.18 8.74
CA TYR A 97 -9.52 -15.64 8.11
C TYR A 97 -9.40 -15.51 6.59
N GLY A 98 -8.38 -16.11 6.01
CA GLY A 98 -8.27 -16.20 4.56
C GLY A 98 -7.92 -14.88 3.87
N ILE A 99 -7.22 -14.04 4.62
N ILE A 99 -7.11 -14.06 4.54
CA ILE A 99 -6.80 -12.74 4.13
CA ILE A 99 -6.70 -12.75 4.01
C ILE A 99 -5.29 -12.76 3.93
C ILE A 99 -5.23 -12.75 3.62
N HIS A 100 -4.90 -12.16 2.79
N HIS A 100 -4.86 -12.11 2.51
CA HIS A 100 -3.49 -12.01 2.40
CA HIS A 100 -3.45 -11.97 2.18
C HIS A 100 -3.03 -10.60 2.73
C HIS A 100 -3.02 -10.57 2.58
N LEU A 101 -1.72 -10.39 2.77
CA LEU A 101 -1.16 -9.12 3.26
C LEU A 101 -0.16 -8.51 2.29
N ILE A 102 -0.23 -7.19 2.16
CA ILE A 102 0.85 -6.42 1.55
C ILE A 102 1.51 -5.66 2.68
N MET A 103 2.83 -5.65 2.65
N MET A 103 2.75 -6.01 3.06
CA MET A 103 3.62 -5.28 3.83
CA MET A 103 3.52 -5.26 4.09
C MET A 103 4.61 -4.19 3.43
C MET A 103 4.57 -4.24 3.55
N SER A 104 4.38 -2.97 3.89
CA SER A 104 5.26 -1.88 3.49
C SER A 104 6.42 -1.79 4.48
N LEU A 105 7.63 -1.60 3.97
CA LEU A 105 8.84 -1.76 4.78
C LEU A 105 9.34 -0.45 5.43
N VAL A 106 8.96 0.69 4.87
CA VAL A 106 9.29 2.00 5.45
C VAL A 106 8.33 3.04 4.92
N ASN A 107 8.16 4.13 5.65
CA ASN A 107 7.34 5.24 5.18
C ASN A 107 8.21 6.33 4.53
N ASN A 108 7.70 6.97 3.51
CA ASN A 108 8.28 8.23 3.09
C ASN A 108 8.13 9.31 4.16
N TRP A 109 7.02 9.26 4.88
CA TRP A 109 6.57 10.39 5.71
C TRP A 109 6.89 10.23 7.16
N ASP A 110 6.89 11.39 7.83
CA ASP A 110 6.75 11.50 9.28
C ASP A 110 8.04 11.27 10.04
N ALA A 111 7.97 11.55 11.34
CA ALA A 111 9.18 11.64 12.17
C ALA A 111 9.69 10.27 12.59
N PHE A 112 8.78 9.31 12.73
CA PHE A 112 9.09 7.96 13.17
C PHE A 112 8.58 6.93 12.15
N GLY A 113 9.43 5.97 11.82
CA GLY A 113 9.10 4.91 10.89
C GLY A 113 9.34 5.32 9.45
N GLY A 114 9.88 6.51 9.24
CA GLY A 114 10.07 7.03 7.90
C GLY A 114 11.51 7.27 7.55
N LYS A 115 11.73 7.78 6.35
CA LYS A 115 13.09 7.99 5.86
C LYS A 115 13.84 8.99 6.72
N LYS A 116 13.13 9.95 7.30
CA LYS A 116 13.74 10.95 8.18
C LYS A 116 14.43 10.30 9.37
N GLN A 117 13.78 9.34 10.00
CA GLN A 117 14.36 8.68 11.16
C GLN A 117 15.63 7.92 10.79
N TYR A 118 15.62 7.22 9.65
CA TYR A 118 16.79 6.50 9.15
C TYR A 118 17.96 7.46 8.96
N VAL A 119 17.70 8.64 8.39
CA VAL A 119 18.74 9.62 8.14
C VAL A 119 19.26 10.14 9.48
N GLU A 120 18.35 10.48 10.40
CA GLU A 120 18.76 11.05 11.69
C GLU A 120 19.54 10.05 12.53
N TRP A 121 19.25 8.76 12.36
CA TRP A 121 20.02 7.71 13.01
C TRP A 121 21.47 7.73 12.52
N ALA A 122 21.64 7.89 11.21
CA ALA A 122 22.98 7.98 10.63
C ALA A 122 23.68 9.24 11.11
N VAL A 123 22.94 10.32 11.24
CA VAL A 123 23.51 11.58 11.72
C VAL A 123 24.05 11.41 13.13
N GLN A 124 23.31 10.68 13.97
CA GLN A 124 23.74 10.48 15.35
C GLN A 124 24.99 9.62 15.38
N ARG A 125 25.24 8.88 14.31
CA ARG A 125 26.40 8.00 14.22
C ARG A 125 27.54 8.59 13.37
N GLY A 126 27.50 9.90 13.17
CA GLY A 126 28.60 10.64 12.60
C GLY A 126 28.47 11.06 11.14
N GLN A 127 27.40 10.64 10.47
CA GLN A 127 27.21 11.01 9.06
C GLN A 127 26.66 12.43 8.99
N LYS A 128 27.22 13.24 8.10
CA LYS A 128 26.86 14.64 8.02
C LYS A 128 25.84 14.83 6.91
N LEU A 129 24.60 14.44 7.22
CA LEU A 129 23.50 14.43 6.25
C LEU A 129 22.55 15.57 6.52
N THR A 130 22.20 16.33 5.48
CA THR A 130 21.35 17.51 5.60
C THR A 130 19.96 17.36 4.96
N SER A 131 19.68 16.20 4.35
CA SER A 131 18.43 15.99 3.62
C SER A 131 17.80 14.63 3.94
N ASP A 132 16.47 14.58 4.04
CA ASP A 132 15.77 13.31 4.19
C ASP A 132 15.99 12.43 2.95
N ASP A 133 16.21 13.05 1.80
CA ASP A 133 16.51 12.32 0.56
C ASP A 133 17.88 11.64 0.56
N ASP A 134 18.73 11.98 1.52
CA ASP A 134 19.97 11.21 1.77
C ASP A 134 19.68 9.74 2.10
N PHE A 135 18.45 9.44 2.52
CA PHE A 135 17.99 8.06 2.65
C PHE A 135 18.29 7.22 1.40
N PHE A 136 18.15 7.84 0.23
CA PHE A 136 18.28 7.14 -1.05
C PHE A 136 19.72 6.99 -1.55
N THR A 137 20.68 7.70 -0.92
CA THR A 137 22.08 7.73 -1.40
C THR A 137 23.19 7.36 -0.39
N ASN A 138 22.97 7.65 0.89
CA ASN A 138 24.01 7.46 1.91
C ASN A 138 24.25 5.99 2.15
N PRO A 139 25.47 5.50 1.93
CA PRO A 139 25.76 4.07 2.18
C PRO A 139 25.36 3.56 3.56
N MET A 140 25.60 4.31 4.64
CA MET A 140 25.21 3.82 5.96
C MET A 140 23.69 3.67 6.07
N VAL A 141 22.94 4.66 5.63
CA VAL A 141 21.48 4.61 5.70
C VAL A 141 20.95 3.47 4.85
N LYS A 142 21.44 3.35 3.62
CA LYS A 142 21.06 2.23 2.78
C LYS A 142 21.35 0.89 3.45
N GLY A 143 22.46 0.81 4.18
CA GLY A 143 22.79 -0.38 4.95
C GLY A 143 21.78 -0.66 6.05
N PHE A 144 21.36 0.38 6.78
CA PHE A 144 20.29 0.24 7.76
C PHE A 144 19.04 -0.33 7.09
N TYR A 145 18.69 0.19 5.92
CA TYR A 145 17.46 -0.23 5.28
C TYR A 145 17.57 -1.69 4.82
N LYS A 146 18.70 -2.06 4.22
CA LYS A 146 18.92 -3.42 3.76
C LYS A 146 18.93 -4.40 4.94
N ASN A 147 19.54 -4.01 6.05
CA ASN A 147 19.57 -4.84 7.25
C ASN A 147 18.14 -5.13 7.68
N ASN A 148 17.31 -4.10 7.70
CA ASN A 148 15.92 -4.26 8.12
C ASN A 148 15.11 -5.14 7.14
N VAL A 149 15.37 -5.01 5.84
CA VAL A 149 14.77 -5.90 4.86
C VAL A 149 15.05 -7.34 5.23
N LYS A 150 16.33 -7.64 5.48
CA LYS A 150 16.71 -9.01 5.83
C LYS A 150 16.08 -9.48 7.15
N VAL A 151 16.03 -8.58 8.14
CA VAL A 151 15.45 -8.92 9.44
C VAL A 151 13.96 -9.29 9.29
N VAL A 152 13.22 -8.48 8.54
CA VAL A 152 11.80 -8.72 8.39
C VAL A 152 11.52 -9.98 7.57
N LEU A 153 12.14 -10.10 6.41
CA LEU A 153 11.92 -11.23 5.51
C LEU A 153 12.28 -12.60 6.13
N THR A 154 13.32 -12.65 6.96
CA THR A 154 13.80 -13.93 7.49
C THR A 154 13.29 -14.24 8.90
N ARG A 155 12.51 -13.32 9.45
CA ARG A 155 11.90 -13.50 10.77
C ARG A 155 11.12 -14.80 10.84
N VAL A 156 11.41 -15.62 11.83
CA VAL A 156 10.61 -16.80 12.11
C VAL A 156 9.44 -16.37 12.98
N ASN A 157 8.24 -16.45 12.40
CA ASN A 157 6.99 -16.14 13.09
C ASN A 157 6.87 -17.06 14.31
N THR A 158 6.71 -16.47 15.49
CA THR A 158 6.61 -17.24 16.74
C THR A 158 5.33 -18.05 16.88
N ILE A 159 4.31 -17.74 16.08
CA ILE A 159 3.04 -18.45 16.15
C ILE A 159 2.96 -19.54 15.08
N THR A 160 3.24 -19.18 13.83
CA THR A 160 3.11 -20.14 12.72
C THR A 160 4.33 -21.03 12.58
N LYS A 161 5.46 -20.57 13.12
CA LYS A 161 6.78 -21.23 12.98
C LYS A 161 7.29 -21.26 11.54
N VAL A 162 6.76 -20.34 10.72
CA VAL A 162 7.20 -20.22 9.34
C VAL A 162 7.86 -18.86 9.16
N ALA A 163 8.99 -18.83 8.49
CA ALA A 163 9.67 -17.55 8.20
C ALA A 163 8.76 -16.73 7.30
N TYR A 164 8.80 -15.41 7.47
CA TYR A 164 7.91 -14.51 6.71
C TYR A 164 8.08 -14.77 5.24
N LYS A 165 9.33 -14.92 4.80
CA LYS A 165 9.65 -15.16 3.38
C LYS A 165 9.12 -16.49 2.84
N ASP A 166 8.76 -17.42 3.72
CA ASP A 166 8.17 -18.69 3.31
C ASP A 166 6.66 -18.78 3.52
N ASP A 167 6.02 -17.69 3.93
CA ASP A 167 4.61 -17.71 4.28
C ASP A 167 3.77 -17.14 3.14
N PRO A 168 2.93 -17.99 2.54
CA PRO A 168 2.08 -17.56 1.42
C PRO A 168 0.97 -16.57 1.81
N THR A 169 0.78 -16.34 3.10
CA THR A 169 -0.17 -15.32 3.53
C THR A 169 0.28 -13.92 3.08
N ILE A 170 1.57 -13.68 3.01
CA ILE A 170 2.08 -12.42 2.48
C ILE A 170 1.96 -12.47 0.96
N LEU A 171 1.21 -11.53 0.38
CA LEU A 171 1.04 -11.44 -1.07
C LEU A 171 2.21 -10.69 -1.72
N SER A 172 2.62 -9.59 -1.09
CA SER A 172 3.69 -8.78 -1.64
C SER A 172 4.37 -7.98 -0.55
N TRP A 173 5.67 -7.77 -0.72
CA TRP A 173 6.40 -6.73 0.00
C TRP A 173 6.22 -5.40 -0.74
N GLU A 174 6.44 -4.28 -0.04
CA GLU A 174 6.43 -2.95 -0.63
C GLU A 174 7.67 -2.21 -0.12
N LEU A 175 8.48 -1.68 -1.03
CA LEU A 175 9.76 -1.07 -0.65
C LEU A 175 9.57 0.14 0.29
N ILE A 176 8.62 1.03 -0.02
CA ILE A 176 8.46 2.28 0.69
C ILE A 176 7.10 2.91 0.37
N ASN A 177 6.38 3.32 1.40
CA ASN A 177 5.09 3.95 1.19
C ASN A 177 5.26 5.36 0.65
N GLU A 178 4.75 5.60 -0.55
CA GLU A 178 4.63 6.95 -1.13
C GLU A 178 5.97 7.72 -1.22
N PRO A 179 6.99 7.12 -1.83
CA PRO A 179 8.30 7.78 -1.89
C PRO A 179 8.25 9.04 -2.74
N ARG A 180 9.00 10.04 -2.28
CA ARG A 180 9.25 11.29 -2.98
C ARG A 180 10.74 11.54 -2.92
N CYS A 181 11.30 12.11 -3.98
CA CYS A 181 12.70 12.55 -3.97
C CYS A 181 12.81 13.94 -4.62
N PRO A 182 12.28 14.94 -3.91
CA PRO A 182 12.21 16.31 -4.44
C PRO A 182 13.58 16.94 -4.74
N SER A 183 14.62 16.44 -4.09
CA SER A 183 15.99 16.92 -4.29
C SER A 183 16.60 16.47 -5.62
N ASP A 184 15.99 15.50 -6.31
CA ASP A 184 16.45 15.08 -7.62
C ASP A 184 15.30 14.77 -8.56
N LEU A 185 14.83 15.82 -9.22
CA LEU A 185 13.74 15.71 -10.16
C LEU A 185 14.12 15.11 -11.51
N SER A 186 15.40 14.83 -11.74
CA SER A 186 15.79 14.02 -12.89
C SER A 186 15.26 12.61 -12.76
N GLY A 187 15.07 12.18 -11.51
CA GLY A 187 14.58 10.85 -11.23
C GLY A 187 15.68 9.82 -11.03
N LYS A 188 16.93 10.19 -11.28
CA LYS A 188 18.02 9.20 -11.28
C LYS A 188 18.31 8.63 -9.90
N THR A 189 18.32 9.49 -8.88
CA THR A 189 18.58 9.07 -7.51
C THR A 189 17.61 7.96 -7.10
N PHE A 190 16.33 8.20 -7.32
CA PHE A 190 15.33 7.24 -6.90
C PHE A 190 15.38 5.98 -7.78
N GLN A 191 15.57 6.14 -9.09
CA GLN A 191 15.70 4.99 -10.00
C GLN A 191 16.82 4.06 -9.52
N ASN A 192 17.97 4.64 -9.17
CA ASN A 192 19.15 3.88 -8.72
C ASN A 192 18.85 3.12 -7.42
N TRP A 193 18.11 3.77 -6.53
CA TRP A 193 17.73 3.15 -5.25
C TRP A 193 16.79 1.97 -5.47
N VAL A 194 15.78 2.14 -6.30
CA VAL A 194 14.89 1.03 -6.63
C VAL A 194 15.69 -0.12 -7.26
N LEU A 195 16.63 0.19 -8.14
CA LEU A 195 17.43 -0.88 -8.76
C LEU A 195 18.22 -1.65 -7.71
N GLU A 196 18.85 -0.90 -6.80
CA GLU A 196 19.66 -1.49 -5.75
C GLU A 196 18.81 -2.36 -4.82
N MET A 197 17.71 -1.79 -4.33
CA MET A 197 16.90 -2.46 -3.30
C MET A 197 16.04 -3.61 -3.78
N ALA A 198 15.52 -3.53 -4.99
CA ALA A 198 14.69 -4.62 -5.49
C ALA A 198 15.57 -5.86 -5.69
N GLY A 199 16.78 -5.64 -6.16
CA GLY A 199 17.71 -6.73 -6.42
C GLY A 199 18.10 -7.40 -5.13
N TYR A 200 18.42 -6.61 -4.13
CA TYR A 200 18.80 -7.13 -2.83
C TYR A 200 17.66 -7.93 -2.22
N LEU A 201 16.47 -7.34 -2.23
CA LEU A 201 15.33 -7.99 -1.59
C LEU A 201 15.03 -9.33 -2.25
N LYS A 202 15.07 -9.39 -3.59
CA LYS A 202 14.80 -10.65 -4.30
C LYS A 202 15.87 -11.73 -4.04
N SER A 203 17.09 -11.30 -3.70
CA SER A 203 18.16 -12.22 -3.28
C SER A 203 17.87 -12.90 -1.93
N ILE A 204 17.05 -12.26 -1.09
N ILE A 204 17.05 -12.24 -1.11
CA ILE A 204 16.64 -12.85 0.18
CA ILE A 204 16.64 -12.78 0.20
C ILE A 204 15.33 -13.61 0.05
C ILE A 204 15.33 -13.56 0.09
N ASP A 205 14.40 -13.06 -0.72
CA ASP A 205 13.08 -13.67 -0.92
C ASP A 205 12.61 -13.53 -2.36
N SER A 206 12.63 -14.64 -3.12
CA SER A 206 12.07 -14.66 -4.47
C SER A 206 10.82 -15.52 -4.52
N ASN A 207 10.31 -15.91 -3.35
CA ASN A 207 9.01 -16.53 -3.26
C ASN A 207 7.86 -15.51 -3.49
N HIS A 208 8.04 -14.29 -2.99
CA HIS A 208 6.98 -13.30 -2.93
C HIS A 208 7.10 -12.29 -4.05
N LEU A 209 5.97 -11.68 -4.36
CA LEU A 209 5.94 -10.50 -5.23
C LEU A 209 6.52 -9.29 -4.49
N LEU A 210 6.95 -8.32 -5.27
CA LEU A 210 7.46 -7.05 -4.78
C LEU A 210 6.86 -5.91 -5.61
N GLU A 211 6.45 -4.85 -4.93
CA GLU A 211 6.07 -3.61 -5.62
C GLU A 211 6.76 -2.44 -4.91
N ILE A 212 6.88 -1.29 -5.57
CA ILE A 212 7.67 -0.20 -5.02
C ILE A 212 7.03 0.56 -3.86
N GLY A 213 5.75 0.90 -4.05
CA GLY A 213 5.00 1.75 -3.15
C GLY A 213 4.66 3.12 -3.74
N LEU A 214 4.81 3.30 -5.04
CA LEU A 214 4.54 4.58 -5.69
C LEU A 214 3.10 5.03 -5.61
N GLU A 215 2.93 6.34 -5.46
CA GLU A 215 1.63 6.96 -5.69
C GLU A 215 1.29 6.95 -7.18
N GLY A 216 2.32 6.94 -8.03
CA GLY A 216 2.18 6.75 -9.46
C GLY A 216 2.64 7.90 -10.33
N PHE A 217 3.30 8.89 -9.76
CA PHE A 217 3.68 10.07 -10.52
C PHE A 217 4.67 9.75 -11.64
N TYR A 218 4.38 10.32 -12.80
CA TYR A 218 5.22 10.23 -13.99
C TYR A 218 6.39 11.21 -13.93
N GLY A 219 7.40 10.95 -14.74
CA GLY A 219 8.46 11.90 -15.03
C GLY A 219 8.04 12.97 -16.02
N ASN A 220 9.03 13.70 -16.54
CA ASN A 220 8.79 14.98 -17.19
C ASN A 220 7.86 14.92 -18.39
N ASP A 221 8.08 13.95 -19.26
CA ASP A 221 7.36 13.91 -20.52
C ASP A 221 5.85 13.69 -20.37
N MET A 222 5.46 13.02 -19.29
N MET A 222 5.45 13.04 -19.28
CA MET A 222 4.06 12.69 -19.02
CA MET A 222 4.04 12.75 -19.05
C MET A 222 3.51 13.44 -17.80
C MET A 222 3.54 13.42 -17.78
N ARG A 223 4.23 14.47 -17.37
CA ARG A 223 3.87 15.19 -16.14
C ARG A 223 2.51 15.84 -16.12
N GLN A 224 1.92 16.09 -17.29
N GLN A 224 1.92 16.10 -17.29
CA GLN A 224 0.62 16.73 -17.36
CA GLN A 224 0.60 16.72 -17.36
C GLN A 224 -0.48 15.87 -16.72
C GLN A 224 -0.43 15.88 -16.60
N TYR A 225 -0.21 14.57 -16.58
CA TYR A 225 -1.13 13.67 -15.87
C TYR A 225 -1.02 13.74 -14.36
N ASN A 226 0.11 14.22 -13.86
CA ASN A 226 0.34 14.35 -12.41
C ASN A 226 -0.49 15.52 -11.90
N PRO A 227 -0.89 15.50 -10.63
CA PRO A 227 -1.67 16.64 -10.09
C PRO A 227 -0.88 17.95 -10.19
N ASN A 228 -1.53 18.95 -10.79
CA ASN A 228 -0.95 20.26 -11.04
C ASN A 228 0.35 20.24 -11.85
N SER A 229 0.58 19.15 -12.58
CA SER A 229 1.74 18.99 -13.48
C SER A 229 3.11 19.00 -12.81
N TYR A 230 3.14 18.73 -11.52
CA TYR A 230 4.40 18.56 -10.81
C TYR A 230 5.10 17.26 -11.22
N ILE A 231 6.40 17.23 -11.07
CA ILE A 231 7.15 15.98 -10.98
C ILE A 231 7.74 15.89 -9.57
N PHE A 232 8.09 14.67 -9.15
CA PHE A 232 8.34 14.41 -7.75
C PHE A 232 9.61 13.62 -7.46
N GLY A 233 10.36 13.26 -8.50
CA GLY A 233 11.58 12.49 -8.32
C GLY A 233 11.37 11.00 -8.54
N THR A 234 10.12 10.59 -8.76
CA THR A 234 9.78 9.23 -9.16
C THR A 234 9.42 9.21 -10.65
N ASN A 235 9.30 8.02 -11.20
CA ASN A 235 8.90 7.84 -12.58
C ASN A 235 8.17 6.51 -12.72
N PHE A 236 6.85 6.57 -12.80
CA PHE A 236 6.03 5.38 -12.90
C PHE A 236 6.51 4.42 -13.97
N ILE A 237 6.94 4.94 -15.11
CA ILE A 237 7.36 4.08 -16.20
C ILE A 237 8.72 3.46 -15.90
N SER A 238 9.76 4.27 -15.76
CA SER A 238 11.12 3.73 -15.67
C SER A 238 11.32 2.97 -14.36
N ASN A 239 10.70 3.43 -13.27
CA ASN A 239 10.87 2.76 -12.00
C ASN A 239 10.31 1.33 -12.04
N ASN A 240 9.16 1.18 -12.69
CA ASN A 240 8.47 -0.11 -12.77
C ASN A 240 9.04 -1.02 -13.87
N GLN A 241 10.00 -0.51 -14.64
CA GLN A 241 10.74 -1.35 -15.60
C GLN A 241 11.83 -2.17 -14.90
N VAL A 242 12.16 -1.79 -13.67
CA VAL A 242 13.15 -2.53 -12.88
C VAL A 242 12.70 -3.99 -12.76
N GLN A 243 13.62 -4.91 -13.02
CA GLN A 243 13.31 -6.32 -13.17
C GLN A 243 12.69 -6.94 -11.94
N GLY A 244 13.18 -6.53 -10.77
CA GLY A 244 12.70 -7.03 -9.49
C GLY A 244 11.28 -6.62 -9.08
N ILE A 245 10.68 -5.69 -9.82
CA ILE A 245 9.34 -5.19 -9.52
C ILE A 245 8.30 -5.99 -10.30
N ASP A 246 7.38 -6.63 -9.59
CA ASP A 246 6.42 -7.54 -10.21
C ASP A 246 5.12 -6.91 -10.67
N PHE A 247 4.69 -5.85 -10.00
CA PHE A 247 3.45 -5.19 -10.38
C PHE A 247 3.50 -3.74 -9.97
N THR A 248 2.59 -2.95 -10.54
CA THR A 248 2.58 -1.50 -10.31
C THR A 248 1.45 -1.11 -9.38
N THR A 249 1.61 0.02 -8.72
CA THR A 249 0.55 0.62 -7.94
C THR A 249 0.35 2.08 -8.27
N ILE A 250 -0.87 2.55 -8.01
CA ILE A 250 -1.14 3.97 -7.88
C ILE A 250 -1.90 4.17 -6.59
N HIS A 251 -1.74 5.38 -6.05
CA HIS A 251 -2.62 5.93 -5.04
C HIS A 251 -3.41 7.04 -5.71
N MET A 252 -4.51 7.47 -5.13
CA MET A 252 -5.19 8.62 -5.71
C MET A 252 -6.01 9.36 -4.65
N TYR A 253 -5.79 10.66 -4.58
CA TYR A 253 -6.50 11.52 -3.65
C TYR A 253 -6.84 12.83 -4.34
N PRO A 254 -7.84 12.83 -5.21
CA PRO A 254 -8.18 14.06 -5.96
C PRO A 254 -8.45 15.27 -5.05
N ASN A 255 -9.18 15.11 -3.96
CA ASN A 255 -9.44 16.25 -3.06
C ASN A 255 -8.20 16.78 -2.34
N GLN A 256 -7.31 15.89 -1.91
CA GLN A 256 -6.06 16.30 -1.24
C GLN A 256 -5.06 16.95 -2.20
N TRP A 257 -4.97 16.39 -3.41
CA TRP A 257 -3.91 16.71 -4.36
C TRP A 257 -4.24 17.90 -5.23
N LEU A 258 -5.53 18.18 -5.35
CA LEU A 258 -6.02 19.25 -6.20
C LEU A 258 -6.99 20.11 -5.42
N PRO A 259 -6.53 20.68 -4.31
CA PRO A 259 -7.41 21.48 -3.45
C PRO A 259 -7.70 22.77 -4.20
N GLY A 260 -8.92 23.24 -4.14
CA GLY A 260 -9.23 24.48 -4.83
C GLY A 260 -9.72 24.30 -6.26
N LEU A 261 -9.56 23.12 -6.83
N LEU A 261 -9.53 23.13 -6.84
CA LEU A 261 -10.19 22.83 -8.11
CA LEU A 261 -10.14 22.82 -8.12
C LEU A 261 -11.65 22.39 -7.91
C LEU A 261 -11.58 22.33 -7.88
N THR A 262 -12.43 22.49 -8.98
N THR A 262 -12.44 22.54 -8.85
CA THR A 262 -13.84 22.07 -8.94
CA THR A 262 -13.83 22.11 -8.74
C THR A 262 -13.95 20.55 -8.86
C THR A 262 -13.94 20.59 -8.82
N GLN A 263 -15.08 20.05 -8.39
CA GLN A 263 -15.35 18.62 -8.39
C GLN A 263 -15.22 18.03 -9.79
N GLU A 264 -15.70 18.78 -10.78
CA GLU A 264 -15.64 18.37 -12.18
C GLU A 264 -14.19 18.20 -12.67
N ALA A 265 -13.33 19.16 -12.35
CA ALA A 265 -11.93 19.06 -12.75
C ALA A 265 -11.24 17.89 -12.04
N GLN A 266 -11.62 17.66 -10.77
CA GLN A 266 -11.04 16.59 -9.96
C GLN A 266 -11.45 15.22 -10.49
N ASP A 267 -12.69 15.12 -10.94
CA ASP A 267 -13.21 13.88 -11.51
C ASP A 267 -12.54 13.56 -12.81
N LYS A 268 -12.32 14.59 -13.63
CA LYS A 268 -11.66 14.41 -14.92
C LYS A 268 -10.21 13.98 -14.71
N TRP A 269 -9.52 14.62 -13.77
CA TRP A 269 -8.17 14.22 -13.43
C TRP A 269 -8.19 12.75 -12.97
N ALA A 270 -9.17 12.39 -12.16
CA ALA A 270 -9.20 11.05 -11.55
C ALA A 270 -9.41 9.94 -12.58
N SER A 271 -10.34 10.15 -13.51
N SER A 271 -10.35 10.15 -13.50
CA SER A 271 -10.60 9.15 -14.55
CA SER A 271 -10.61 9.17 -14.55
C SER A 271 -9.40 9.04 -15.48
C SER A 271 -9.42 9.04 -15.48
N GLN A 272 -8.80 10.18 -15.80
CA GLN A 272 -7.61 10.20 -16.66
C GLN A 272 -6.46 9.52 -15.96
N TRP A 273 -6.38 9.69 -14.64
CA TRP A 273 -5.30 9.15 -13.84
C TRP A 273 -5.33 7.63 -13.88
N ILE A 274 -6.49 7.04 -13.70
CA ILE A 274 -6.57 5.59 -13.76
C ILE A 274 -6.29 5.09 -15.18
N GLN A 275 -6.87 5.72 -16.18
CA GLN A 275 -6.78 5.21 -17.55
C GLN A 275 -5.35 5.27 -18.10
N VAL A 276 -4.62 6.33 -17.80
CA VAL A 276 -3.27 6.47 -18.32
C VAL A 276 -2.37 5.42 -17.68
N HIS A 277 -2.61 5.14 -16.41
CA HIS A 277 -1.81 4.11 -15.73
C HIS A 277 -2.17 2.70 -16.18
N ILE A 278 -3.42 2.48 -16.55
CA ILE A 278 -3.81 1.23 -17.22
C ILE A 278 -2.97 1.08 -18.48
N ASP A 279 -2.90 2.15 -19.27
CA ASP A 279 -2.16 2.08 -20.53
C ASP A 279 -0.69 1.75 -20.26
N ASP A 280 -0.07 2.43 -19.32
CA ASP A 280 1.33 2.19 -19.04
C ASP A 280 1.63 0.85 -18.38
N SER A 281 0.74 0.38 -17.51
CA SER A 281 0.93 -0.90 -16.86
C SER A 281 0.79 -2.01 -17.91
N LYS A 282 -0.14 -1.86 -18.85
CA LYS A 282 -0.25 -2.82 -19.95
C LYS A 282 1.04 -2.87 -20.80
N MET A 283 1.59 -1.69 -21.08
N MET A 283 1.61 -1.71 -21.10
CA MET A 283 2.84 -1.55 -21.84
CA MET A 283 2.85 -1.65 -21.89
C MET A 283 4.01 -2.21 -21.09
C MET A 283 4.03 -2.23 -21.10
N LEU A 284 3.98 -2.12 -19.77
CA LEU A 284 4.98 -2.74 -18.91
C LEU A 284 4.77 -4.26 -18.74
N LYS A 285 3.60 -4.75 -19.15
CA LYS A 285 3.21 -6.16 -19.04
C LYS A 285 3.14 -6.62 -17.58
N LYS A 286 2.64 -5.73 -16.72
CA LYS A 286 2.52 -5.98 -15.29
C LYS A 286 1.12 -5.56 -14.81
N PRO A 287 0.59 -6.25 -13.79
CA PRO A 287 -0.70 -5.85 -13.24
C PRO A 287 -0.62 -4.47 -12.57
N LEU A 288 -1.75 -3.79 -12.53
CA LEU A 288 -1.91 -2.52 -11.82
C LEU A 288 -2.86 -2.69 -10.64
N LEU A 289 -2.43 -2.24 -9.47
CA LEU A 289 -3.22 -2.24 -8.24
C LEU A 289 -3.43 -0.78 -7.80
N ILE A 290 -4.68 -0.40 -7.59
CA ILE A 290 -4.98 0.89 -6.98
C ILE A 290 -4.87 0.67 -5.48
N ALA A 291 -3.72 0.98 -4.92
CA ALA A 291 -3.40 0.59 -3.54
C ALA A 291 -3.95 1.51 -2.46
N GLU A 292 -4.35 2.73 -2.83
CA GLU A 292 -5.00 3.67 -1.93
C GLU A 292 -5.97 4.56 -2.72
N PHE A 293 -7.21 4.63 -2.23
CA PHE A 293 -8.21 5.61 -2.64
C PHE A 293 -9.22 5.71 -1.51
N GLY A 294 -9.93 6.83 -1.43
CA GLY A 294 -10.91 6.97 -0.37
C GLY A 294 -11.66 8.29 -0.45
N LYS A 295 -12.60 8.47 0.46
CA LYS A 295 -13.37 9.72 0.51
C LYS A 295 -13.51 10.16 1.96
N SER A 296 -13.08 11.38 2.22
CA SER A 296 -13.02 11.90 3.57
C SER A 296 -14.34 12.52 4.01
N THR A 297 -14.68 12.32 5.29
CA THR A 297 -15.85 12.94 5.91
C THR A 297 -15.71 14.45 6.11
N LYS A 298 -14.49 14.96 6.01
CA LYS A 298 -14.20 16.39 6.13
C LYS A 298 -14.46 17.19 4.86
N THR A 299 -14.83 16.49 3.77
N THR A 299 -14.75 16.51 3.74
CA THR A 299 -15.37 17.14 2.58
CA THR A 299 -14.99 17.18 2.46
C THR A 299 -16.66 17.87 2.99
C THR A 299 -16.27 17.98 2.49
N PRO A 300 -16.86 19.10 2.51
N PRO A 300 -16.17 19.27 2.19
CA PRO A 300 -18.01 19.92 2.94
CA PRO A 300 -17.34 20.15 2.16
C PRO A 300 -19.38 19.34 2.57
C PRO A 300 -18.47 19.53 1.36
N GLY A 301 -20.30 19.28 3.55
N GLY A 301 -19.63 19.38 1.99
CA GLY A 301 -21.63 18.74 3.33
CA GLY A 301 -20.74 18.68 1.37
C GLY A 301 -21.72 17.23 3.21
C GLY A 301 -20.42 17.21 1.22
N TYR A 302 -20.70 16.53 3.70
N TYR A 302 -20.23 16.54 2.34
CA TYR A 302 -20.58 15.09 3.52
CA TYR A 302 -20.07 15.09 2.34
C TYR A 302 -21.76 14.28 4.08
C TYR A 302 -21.30 14.44 2.97
N THR A 303 -22.21 13.33 3.24
N THR A 303 -21.72 13.32 2.38
CA THR A 303 -23.02 12.20 3.67
CA THR A 303 -22.55 12.34 3.08
C THR A 303 -22.43 10.96 3.00
C THR A 303 -22.03 10.96 2.75
N VAL A 304 -22.74 9.81 3.55
N VAL A 304 -22.59 9.94 3.39
CA VAL A 304 -22.07 8.57 3.15
CA VAL A 304 -22.10 8.58 3.17
C VAL A 304 -22.29 8.24 1.68
C VAL A 304 -22.35 8.15 1.72
N ALA A 305 -23.40 8.67 1.10
CA ALA A 305 -23.65 8.43 -0.32
C ALA A 305 -22.51 8.93 -1.23
N LYS A 306 -21.87 10.05 -0.86
CA LYS A 306 -20.72 10.57 -1.61
C LYS A 306 -19.56 9.58 -1.59
N ARG A 307 -19.29 8.98 -0.43
CA ARG A 307 -18.26 7.97 -0.32
C ARG A 307 -18.65 6.71 -1.10
N ASP A 308 -19.88 6.24 -0.91
CA ASP A 308 -20.32 5.01 -1.59
C ASP A 308 -20.32 5.16 -3.10
N ASN A 309 -20.76 6.30 -3.61
CA ASN A 309 -20.80 6.54 -5.05
C ASN A 309 -19.39 6.60 -5.62
N TYR A 310 -18.47 7.18 -4.86
CA TYR A 310 -17.07 7.22 -5.27
C TYR A 310 -16.43 5.84 -5.31
N PHE A 311 -16.66 5.03 -4.28
CA PHE A 311 -16.14 3.66 -4.27
C PHE A 311 -16.71 2.90 -5.47
N GLU A 312 -17.99 3.12 -5.76
CA GLU A 312 -18.66 2.46 -6.90
C GLU A 312 -18.00 2.82 -8.22
N LYS A 313 -17.63 4.08 -8.38
CA LYS A 313 -16.97 4.58 -9.56
C LYS A 313 -15.61 3.91 -9.74
N ILE A 314 -14.82 3.88 -8.67
CA ILE A 314 -13.49 3.29 -8.72
C ILE A 314 -13.60 1.79 -9.00
N TYR A 315 -14.49 1.11 -8.29
CA TYR A 315 -14.71 -0.31 -8.45
C TYR A 315 -15.20 -0.65 -9.86
N GLY A 316 -16.08 0.16 -10.42
CA GLY A 316 -16.56 -0.04 -11.78
C GLY A 316 -15.46 0.07 -12.82
N THR A 317 -14.57 1.03 -12.63
CA THR A 317 -13.43 1.22 -13.51
C THR A 317 -12.49 0.01 -13.46
N ILE A 318 -12.23 -0.48 -12.25
CA ILE A 318 -11.42 -1.69 -12.05
C ILE A 318 -12.09 -2.89 -12.72
N PHE A 319 -13.38 -3.08 -12.46
CA PHE A 319 -14.12 -4.20 -13.01
C PHE A 319 -14.20 -4.18 -14.53
N ASN A 320 -14.48 -3.02 -15.11
CA ASN A 320 -14.60 -2.90 -16.57
C ASN A 320 -13.29 -3.25 -17.23
N CYS A 321 -12.19 -2.85 -16.60
CA CYS A 321 -10.86 -3.10 -17.11
C CYS A 321 -10.55 -4.59 -17.00
N ALA A 322 -10.70 -5.15 -15.82
CA ALA A 322 -10.40 -6.56 -15.58
C ALA A 322 -11.21 -7.49 -16.49
N LYS A 323 -12.49 -7.20 -16.66
CA LYS A 323 -13.38 -8.06 -17.43
C LYS A 323 -13.05 -8.07 -18.93
N SER A 324 -12.58 -6.94 -19.43
CA SER A 324 -12.21 -6.82 -20.84
C SER A 324 -10.76 -7.25 -21.11
N GLY A 325 -10.08 -7.73 -20.08
CA GLY A 325 -8.77 -8.34 -20.24
C GLY A 325 -7.63 -7.38 -19.97
N GLY A 326 -7.95 -6.20 -19.44
CA GLY A 326 -6.95 -5.19 -19.12
C GLY A 326 -6.15 -5.53 -17.87
N PRO A 327 -5.16 -4.69 -17.52
CA PRO A 327 -4.21 -5.00 -16.45
C PRO A 327 -4.67 -4.66 -15.01
N CYS A 328 -5.93 -4.31 -14.81
CA CYS A 328 -6.41 -3.99 -13.46
C CYS A 328 -6.53 -5.24 -12.63
N GLY A 329 -5.67 -5.33 -11.61
CA GLY A 329 -5.62 -6.42 -10.66
C GLY A 329 -6.38 -6.20 -9.38
N GLY A 330 -6.95 -5.00 -9.21
CA GLY A 330 -7.80 -4.72 -8.08
C GLY A 330 -7.54 -3.41 -7.37
N GLY A 331 -8.07 -3.32 -6.15
CA GLY A 331 -8.09 -2.06 -5.43
C GLY A 331 -8.10 -2.28 -3.93
N LEU A 332 -7.54 -1.31 -3.20
CA LEU A 332 -7.56 -1.25 -1.73
C LEU A 332 -7.94 0.17 -1.33
N PHE A 333 -9.01 0.30 -0.57
CA PHE A 333 -9.39 1.62 -0.08
C PHE A 333 -8.63 1.98 1.20
N TRP A 334 -8.47 3.28 1.39
CA TRP A 334 -7.95 3.86 2.61
C TRP A 334 -9.16 4.47 3.33
N GLN A 335 -9.53 3.99 4.52
CA GLN A 335 -8.92 2.89 5.28
C GLN A 335 -9.99 2.29 6.18
N VAL A 336 -9.73 1.13 6.74
CA VAL A 336 -10.59 0.56 7.76
C VAL A 336 -10.01 0.91 9.12
N LEU A 337 -10.88 1.30 10.05
CA LEU A 337 -10.55 1.33 11.47
C LEU A 337 -11.44 0.33 12.20
N GLY A 338 -10.92 -0.23 13.29
CA GLY A 338 -11.73 -1.02 14.20
C GLY A 338 -12.71 -0.14 14.96
N GLN A 339 -13.61 -0.78 15.69
CA GLN A 339 -14.51 -0.05 16.61
C GLN A 339 -13.74 0.47 17.81
N GLY A 340 -14.17 1.61 18.36
CA GLY A 340 -13.50 2.23 19.49
C GLY A 340 -12.10 2.74 19.19
N MET A 341 -11.87 3.22 17.97
CA MET A 341 -10.57 3.73 17.54
C MET A 341 -10.66 5.16 16.99
N SER A 342 -11.64 5.91 17.47
CA SER A 342 -11.88 7.28 17.00
C SER A 342 -10.66 8.22 17.15
N SER A 343 -9.75 7.92 18.07
CA SER A 343 -8.53 8.72 18.21
C SER A 343 -7.63 8.60 16.95
N PHE A 344 -7.78 7.48 16.22
CA PHE A 344 -7.09 7.25 14.95
C PHE A 344 -7.77 7.87 13.72
N ASP A 345 -8.94 8.50 13.91
CA ASP A 345 -9.72 9.05 12.81
C ASP A 345 -8.94 10.05 11.96
N ASP A 346 -8.97 9.87 10.65
CA ASP A 346 -8.37 10.85 9.74
C ASP A 346 -9.36 11.36 8.68
N GLY A 347 -10.63 11.02 8.85
CA GLY A 347 -11.68 11.38 7.90
C GLY A 347 -12.00 10.29 6.90
N TYR A 348 -11.02 9.45 6.60
CA TYR A 348 -11.16 8.40 5.60
C TYR A 348 -11.63 7.06 6.19
N GLN A 349 -11.73 6.97 7.51
CA GLN A 349 -12.01 5.68 8.16
C GLN A 349 -13.38 5.11 7.80
N VAL A 350 -13.40 3.81 7.52
CA VAL A 350 -14.61 3.02 7.40
C VAL A 350 -14.57 2.02 8.55
N VAL A 351 -15.51 2.15 9.48
CA VAL A 351 -15.70 1.16 10.52
C VAL A 351 -16.76 0.21 9.98
N LEU A 352 -16.37 -1.01 9.61
CA LEU A 352 -17.24 -1.88 8.83
C LEU A 352 -18.55 -2.18 9.57
N GLN A 353 -18.44 -2.43 10.87
CA GLN A 353 -19.58 -2.71 11.72
C GLN A 353 -20.62 -1.58 11.74
N GLU A 354 -20.16 -0.35 11.46
CA GLU A 354 -20.99 0.85 11.53
C GLU A 354 -21.30 1.46 10.16
N SER A 355 -20.90 0.78 9.09
CA SER A 355 -21.02 1.30 7.72
C SER A 355 -21.67 0.31 6.75
N PRO A 356 -22.93 -0.03 6.97
CA PRO A 356 -23.58 -1.09 6.18
C PRO A 356 -23.73 -0.79 4.69
N SER A 357 -24.02 0.46 4.31
CA SER A 357 -24.09 0.80 2.90
C SER A 357 -22.75 0.61 2.19
N THR A 358 -21.66 1.01 2.85
CA THR A 358 -20.33 0.94 2.26
C THR A 358 -19.86 -0.50 2.15
N SER A 359 -20.08 -1.26 3.23
N SER A 359 -20.09 -1.27 3.22
CA SER A 359 -19.74 -2.66 3.26
CA SER A 359 -19.71 -2.67 3.24
C SER A 359 -20.44 -3.44 2.13
C SER A 359 -20.46 -3.49 2.18
N ARG A 360 -21.68 -3.08 1.83
CA ARG A 360 -22.40 -3.74 0.74
C ARG A 360 -21.82 -3.36 -0.62
N VAL A 361 -21.37 -2.12 -0.79
CA VAL A 361 -20.68 -1.72 -2.02
C VAL A 361 -19.41 -2.57 -2.20
N ILE A 362 -18.65 -2.72 -1.11
CA ILE A 362 -17.44 -3.54 -1.11
C ILE A 362 -17.76 -4.99 -1.48
N LEU A 363 -18.75 -5.58 -0.82
CA LEU A 363 -19.10 -6.98 -1.04
C LEU A 363 -19.46 -7.24 -2.51
N LEU A 364 -20.26 -6.37 -3.09
CA LEU A 364 -20.73 -6.55 -4.46
C LEU A 364 -19.59 -6.52 -5.45
N GLN A 365 -18.59 -5.67 -5.21
CA GLN A 365 -17.36 -5.69 -6.00
C GLN A 365 -16.62 -7.02 -5.87
N SER A 366 -16.49 -7.56 -4.67
CA SER A 366 -15.85 -8.88 -4.54
C SER A 366 -16.63 -9.96 -5.29
N LEU A 367 -17.95 -9.93 -5.20
CA LEU A 367 -18.77 -10.95 -5.87
C LEU A 367 -18.59 -10.89 -7.39
N ARG A 368 -18.59 -9.70 -7.98
N ARG A 368 -18.63 -9.68 -7.95
CA ARG A 368 -18.43 -9.56 -9.43
CA ARG A 368 -18.40 -9.43 -9.38
C ARG A 368 -17.05 -10.02 -9.90
C ARG A 368 -17.08 -10.01 -9.86
N LEU A 369 -16.02 -9.66 -9.15
CA LEU A 369 -14.66 -10.03 -9.53
C LEU A 369 -14.44 -11.55 -9.42
N SER A 370 -15.17 -12.19 -8.52
CA SER A 370 -14.99 -13.62 -8.26
C SER A 370 -15.42 -14.48 -9.48
N LYS A 371 -16.20 -13.88 -10.38
CA LYS A 371 -16.70 -14.56 -11.58
C LYS A 371 -15.85 -14.31 -12.83
N LEU A 372 -14.77 -13.54 -12.68
CA LEU A 372 -13.77 -13.38 -13.73
C LEU A 372 -12.69 -14.44 -13.68
N SER A 373 -12.16 -14.78 -14.86
CA SER A 373 -11.01 -15.68 -14.99
C SER A 373 -9.73 -14.90 -15.25
#